data_7JZ1
#
_entry.id   7JZ1
#
_cell.length_a   101.379
_cell.length_b   101.379
_cell.length_c   319.878
_cell.angle_alpha   90.000
_cell.angle_beta   90.000
_cell.angle_gamma   120.000
#
_symmetry.space_group_name_H-M   'P 65 2 2'
#
loop_
_entity.id
_entity.type
_entity.pdbx_description
1 polymer 'MGC34 heavy chain'
2 polymer 'MGC34 light chain'
#
loop_
_entity_poly.entity_id
_entity_poly.type
_entity_poly.pdbx_seq_one_letter_code
_entity_poly.pdbx_strand_id
1 'polypeptide(L)'
;EVQLVESGGGLVQPGGSLRLSCEASGFTFSSYWMSWVRQAPGKGLEWVANINQDGSQKDYVDSVKGRFTISRDTAKNSLY
LQMNSLRAEDTAVYYCARERLCTDDSHMHGEEDLPRPSISAEPGTVIPLGSHVTFVCRGPVGIHTFRLERESRSLYTETE
DVTQVSPSESEARFRIESVTEGNAGLYRCVYYKPPKWSEQSDYLELLVKGEDVTRALFTHCGGDGKESDYHMDVWGKGTT
VTVSSASTKGPSVFPLAPSSKSTSGGTAALGCLVKDYFPEPVTVSWNSGALTSGVHTFPAVLQSSGLYSLSSVVTVPSSS
LGTQTYICNVNHKPSNTKVDKKVEPKSCDKGLEVLFQ
;
H
2 'polypeptide(L)'
;QTVVTQEPSLTVSPGGTVTLTCASSTGAVTSGYYPSWFHQKPGQPVRALIYSTSKTHSWTPARFSGSLLGGKAALTLSNV
QPEDEADYYCLLYYGGPQPWVFGGGTKLTVLSQPKAAPSVTLFPPSSEELQANKATLVCLISDFYPGAVTVAWKADSSPV
KAGVETTTPSKQSNNKYAASSYLSLTPEQWKSHRSYSCQVTHEGSTVEKTVAPTECS
;
L
#
# COMPACT_ATOMS: atom_id res chain seq x y z
N GLU A 1 -8.81 24.74 -7.53
CA GLU A 1 -7.46 24.74 -6.97
C GLU A 1 -7.40 24.14 -5.57
N VAL A 2 -8.40 23.34 -5.20
CA VAL A 2 -8.50 22.77 -3.86
C VAL A 2 -7.20 22.06 -3.53
N GLN A 3 -6.55 22.47 -2.43
CA GLN A 3 -5.19 22.03 -2.17
C GLN A 3 -4.84 22.08 -0.69
N LEU A 4 -3.90 21.22 -0.30
CA LEU A 4 -3.33 21.18 1.04
C LEU A 4 -1.82 21.08 0.92
N VAL A 5 -1.09 21.92 1.63
CA VAL A 5 0.37 21.90 1.61
C VAL A 5 0.89 21.70 3.03
N GLU A 6 1.66 20.62 3.24
CA GLU A 6 2.29 20.35 4.53
C GLU A 6 3.71 20.92 4.58
N SER A 7 4.12 21.31 5.78
CA SER A 7 5.46 21.80 6.03
C SER A 7 5.79 21.60 7.52
N GLY A 8 7.05 21.87 7.86
CA GLY A 8 7.51 21.73 9.22
C GLY A 8 8.17 20.40 9.54
N GLY A 9 8.10 19.43 8.63
CA GLY A 9 8.84 18.20 8.81
C GLY A 9 10.33 18.43 8.82
N GLY A 10 11.04 17.51 9.47
CA GLY A 10 12.47 17.66 9.63
C GLY A 10 13.05 16.50 10.41
N LEU A 11 14.31 16.67 10.80
CA LEU A 11 15.10 15.60 11.41
C LEU A 11 15.36 15.93 12.87
N VAL A 12 15.00 15.01 13.75
CA VAL A 12 14.93 15.24 15.18
C VAL A 12 15.51 14.02 15.88
N GLN A 13 16.22 14.24 16.98
CA GLN A 13 16.62 13.09 17.77
C GLN A 13 15.47 12.67 18.68
N PRO A 14 15.36 11.38 19.01
CA PRO A 14 14.20 10.89 19.76
C PRO A 14 14.04 11.61 21.09
N GLY A 15 12.79 11.87 21.45
CA GLY A 15 12.46 12.68 22.61
C GLY A 15 12.25 14.15 22.30
N GLY A 16 12.52 14.58 21.07
CA GLY A 16 12.36 15.96 20.67
C GLY A 16 10.94 16.31 20.30
N SER A 17 10.79 17.40 19.55
CA SER A 17 9.46 17.83 19.16
C SER A 17 9.51 18.55 17.83
N LEU A 18 8.37 18.54 17.16
CA LEU A 18 8.15 19.26 15.91
C LEU A 18 6.69 19.72 15.91
N ARG A 19 6.39 20.72 15.10
CA ARG A 19 5.00 21.01 14.77
C ARG A 19 4.86 21.02 13.26
N LEU A 20 3.99 20.15 12.75
CA LEU A 20 3.62 20.13 11.35
C LEU A 20 2.53 21.14 11.09
N SER A 21 2.63 21.80 9.94
CA SER A 21 1.64 22.76 9.49
C SER A 21 1.08 22.28 8.16
N CYS A 22 -0.18 22.58 7.92
CA CYS A 22 -0.85 22.21 6.68
C CYS A 22 -1.76 23.36 6.28
N GLU A 23 -1.35 24.10 5.25
CA GLU A 23 -2.07 25.26 4.79
C GLU A 23 -3.06 24.82 3.71
N ALA A 24 -4.32 25.19 3.90
CA ALA A 24 -5.40 24.86 2.97
C ALA A 24 -5.58 25.97 1.95
N SER A 25 -6.11 25.60 0.78
CA SER A 25 -6.34 26.54 -0.29
C SER A 25 -7.50 26.05 -1.15
N GLY A 26 -8.20 26.99 -1.76
CA GLY A 26 -9.22 26.65 -2.74
C GLY A 26 -10.49 26.05 -2.20
N PHE A 27 -10.74 26.18 -0.89
CA PHE A 27 -11.98 25.70 -0.30
C PHE A 27 -12.11 26.30 1.10
N THR A 28 -13.30 26.11 1.70
CA THR A 28 -13.59 26.69 3.01
C THR A 28 -13.10 25.73 4.08
N PHE A 29 -11.91 26.01 4.61
CA PHE A 29 -11.27 25.17 5.63
C PHE A 29 -12.16 24.95 6.85
N SER A 30 -12.93 25.97 7.24
CA SER A 30 -13.68 25.93 8.48
C SER A 30 -14.68 24.77 8.54
N SER A 31 -15.02 24.18 7.40
CA SER A 31 -16.24 23.41 7.24
C SER A 31 -16.08 21.90 7.32
N TYR A 32 -14.86 21.38 7.20
CA TYR A 32 -14.65 19.94 7.16
C TYR A 32 -13.76 19.48 8.30
N TRP A 33 -13.94 18.21 8.67
CA TRP A 33 -13.00 17.55 9.57
C TRP A 33 -11.66 17.40 8.87
N MET A 34 -10.59 17.40 9.65
CA MET A 34 -9.26 17.25 9.07
C MET A 34 -8.45 16.24 9.83
N SER A 35 -7.67 15.45 9.10
CA SER A 35 -6.90 14.37 9.70
C SER A 35 -5.46 14.36 9.21
N TRP A 36 -4.59 13.85 10.08
CA TRP A 36 -3.19 13.57 9.77
C TRP A 36 -3.04 12.06 9.60
N VAL A 37 -2.45 11.65 8.48
CA VAL A 37 -2.19 10.25 8.18
C VAL A 37 -0.71 10.09 7.82
N ARG A 38 -0.02 9.17 8.48
CA ARG A 38 1.40 9.01 8.26
C ARG A 38 1.69 7.73 7.48
N GLN A 39 2.86 7.71 6.86
CA GLN A 39 3.33 6.55 6.10
C GLN A 39 4.81 6.36 6.40
N ALA A 40 5.14 5.33 7.18
CA ALA A 40 6.54 5.02 7.43
C ALA A 40 7.18 4.44 6.16
N PRO A 41 8.48 4.68 5.97
CA PRO A 41 9.11 4.29 4.70
C PRO A 41 8.96 2.81 4.40
N GLY A 42 8.54 2.51 3.17
CA GLY A 42 8.38 1.13 2.75
C GLY A 42 7.15 0.43 3.27
N LYS A 43 6.25 1.15 3.96
CA LYS A 43 5.08 0.55 4.57
C LYS A 43 3.84 1.35 4.17
N GLY A 44 2.69 0.96 4.73
CA GLY A 44 1.41 1.49 4.33
C GLY A 44 0.99 2.73 5.11
N LEU A 45 -0.27 3.11 4.91
CA LEU A 45 -0.85 4.30 5.53
C LEU A 45 -1.42 3.96 6.90
N GLU A 46 -1.12 4.82 7.89
CA GLU A 46 -1.69 4.72 9.22
C GLU A 46 -2.34 6.04 9.57
N TRP A 47 -3.62 6.01 9.94
CA TRP A 47 -4.28 7.21 10.41
C TRP A 47 -3.72 7.62 11.77
N VAL A 48 -3.37 8.91 11.89
CA VAL A 48 -2.75 9.41 13.11
C VAL A 48 -3.78 10.18 13.92
N ALA A 49 -4.32 11.24 13.35
CA ALA A 49 -5.10 12.19 14.15
C ALA A 49 -6.32 12.69 13.37
N ASN A 50 -7.34 13.05 14.15
CA ASN A 50 -8.67 13.49 13.71
C ASN A 50 -9.07 14.72 14.51
N ILE A 51 -9.47 15.79 13.81
CA ILE A 51 -9.98 17.00 14.44
C ILE A 51 -11.26 17.48 13.75
N ASN A 52 -12.11 18.11 14.56
CA ASN A 52 -13.44 18.63 14.26
C ASN A 52 -13.34 19.95 13.48
N GLN A 53 -14.49 20.50 13.08
CA GLN A 53 -14.50 21.77 12.36
C GLN A 53 -13.99 22.91 13.22
N ASP A 54 -14.49 23.01 14.45
CA ASP A 54 -14.17 24.11 15.36
C ASP A 54 -13.09 23.77 16.37
N GLY A 55 -12.59 22.53 16.36
CA GLY A 55 -11.71 22.08 17.42
C GLY A 55 -12.41 21.56 18.65
N SER A 56 -13.74 21.39 18.61
CA SER A 56 -14.47 20.87 19.76
C SER A 56 -13.91 19.52 20.19
N GLN A 57 -14.00 18.52 19.32
CA GLN A 57 -13.57 17.17 19.64
C GLN A 57 -12.50 16.68 18.67
N LYS A 58 -11.66 15.77 19.16
CA LYS A 58 -10.53 15.24 18.39
C LYS A 58 -10.01 13.92 18.99
N ASP A 59 -9.59 13.00 18.15
CA ASP A 59 -8.90 11.88 18.75
C ASP A 59 -7.68 11.53 17.96
N TYR A 60 -6.93 10.54 18.45
CA TYR A 60 -5.58 10.17 18.09
C TYR A 60 -5.55 8.66 18.12
N VAL A 61 -4.78 8.06 17.23
CA VAL A 61 -4.47 6.65 17.38
C VAL A 61 -3.73 6.44 18.68
N ASP A 62 -3.85 5.25 19.24
CA ASP A 62 -3.33 4.98 20.58
C ASP A 62 -1.83 5.19 20.67
N SER A 63 -1.11 4.96 19.56
CA SER A 63 0.35 5.03 19.59
C SER A 63 0.83 6.42 20.00
N VAL A 64 0.17 7.47 19.48
CA VAL A 64 0.63 8.84 19.67
C VAL A 64 -0.12 9.55 20.80
N LYS A 65 -1.01 8.85 21.51
CA LYS A 65 -1.78 9.49 22.56
C LYS A 65 -0.88 9.97 23.68
N GLY A 66 -1.15 11.20 24.15
CA GLY A 66 -0.35 11.84 25.17
C GLY A 66 0.91 12.51 24.66
N ARG A 67 1.32 12.21 23.43
CA ARG A 67 2.52 12.78 22.83
C ARG A 67 2.22 13.74 21.71
N PHE A 68 1.10 13.53 21.00
CA PHE A 68 0.71 14.32 19.84
C PHE A 68 -0.57 15.08 20.18
N THR A 69 -0.66 16.33 19.74
CA THR A 69 -1.90 17.08 19.82
C THR A 69 -2.19 17.71 18.45
N ILE A 70 -3.47 17.79 18.11
CA ILE A 70 -3.90 18.30 16.82
C ILE A 70 -4.77 19.52 17.04
N SER A 71 -4.59 20.54 16.20
CA SER A 71 -5.30 21.81 16.36
C SER A 71 -5.50 22.43 14.99
N ARG A 72 -6.30 23.50 14.93
CA ARG A 72 -6.50 24.19 13.68
C ARG A 72 -6.78 25.65 13.94
N ASP A 73 -6.42 26.49 12.98
CA ASP A 73 -6.68 27.92 13.06
C ASP A 73 -7.32 28.33 11.73
N THR A 74 -8.60 28.67 11.78
CA THR A 74 -9.31 29.12 10.59
C THR A 74 -8.82 30.49 10.13
N ALA A 75 -8.43 31.35 11.08
CA ALA A 75 -7.85 32.64 10.70
C ALA A 75 -6.53 32.43 9.94
N LYS A 76 -5.62 31.65 10.50
CA LYS A 76 -4.44 31.26 9.74
C LYS A 76 -4.75 30.22 8.68
N ASN A 77 -5.97 29.68 8.67
CA ASN A 77 -6.45 28.84 7.57
C ASN A 77 -5.54 27.61 7.38
N SER A 78 -5.35 26.88 8.48
CA SER A 78 -4.38 25.80 8.46
C SER A 78 -4.57 24.86 9.65
N LEU A 79 -3.92 23.70 9.53
CA LEU A 79 -4.02 22.56 10.44
C LEU A 79 -2.66 22.23 11.05
N TYR A 80 -2.60 22.08 12.37
CA TYR A 80 -1.35 21.87 13.08
C TYR A 80 -1.33 20.53 13.78
N LEU A 81 -0.18 19.87 13.72
CA LEU A 81 0.11 18.70 14.55
C LEU A 81 1.35 18.97 15.38
N GLN A 82 1.19 19.12 16.68
CA GLN A 82 2.34 19.21 17.57
C GLN A 82 2.73 17.80 18.00
N MET A 83 3.99 17.45 17.78
CA MET A 83 4.54 16.11 17.98
C MET A 83 5.63 16.23 19.03
N ASN A 84 5.31 15.90 20.27
CA ASN A 84 6.25 15.91 21.37
C ASN A 84 6.63 14.47 21.72
N SER A 85 7.78 14.34 22.40
CA SER A 85 8.27 13.04 22.87
C SER A 85 8.35 12.04 21.72
N LEU A 86 9.03 12.44 20.65
CA LEU A 86 9.09 11.63 19.45
C LEU A 86 9.81 10.31 19.71
N ARG A 87 9.28 9.25 19.13
CA ARG A 87 9.91 7.93 19.15
C ARG A 87 10.47 7.63 17.77
N ALA A 88 11.24 6.54 17.68
CA ALA A 88 11.82 6.15 16.40
C ALA A 88 10.73 5.75 15.40
N GLU A 89 9.78 4.93 15.84
CA GLU A 89 8.75 4.44 14.95
C GLU A 89 7.89 5.57 14.38
N ASP A 90 7.95 6.75 15.00
CA ASP A 90 7.21 7.90 14.51
C ASP A 90 7.75 8.43 13.19
N THR A 91 8.92 7.96 12.76
CA THR A 91 9.48 8.38 11.47
C THR A 91 8.52 8.02 10.35
N ALA A 92 8.18 9.02 9.53
CA ALA A 92 7.28 8.78 8.41
C ALA A 92 7.23 9.97 7.47
N VAL A 93 6.35 9.93 6.49
CA VAL A 93 5.86 11.12 5.80
C VAL A 93 4.45 11.37 6.32
N TYR A 94 4.18 12.61 6.69
CA TYR A 94 2.90 12.98 7.28
C TYR A 94 2.06 13.75 6.27
N TYR A 95 0.81 13.31 6.12
CA TYR A 95 -0.12 13.81 5.12
C TYR A 95 -1.31 14.47 5.80
N CYS A 96 -1.85 15.45 5.11
CA CYS A 96 -3.00 16.23 5.54
C CYS A 96 -4.18 15.84 4.65
N ALA A 97 -5.32 15.51 5.27
CA ALA A 97 -6.42 14.93 4.52
C ALA A 97 -7.75 15.54 4.94
N ARG A 98 -8.56 15.91 3.94
CA ARG A 98 -9.89 16.50 4.15
C ARG A 98 -10.91 15.38 4.30
N GLU A 99 -11.41 15.19 5.52
CA GLU A 99 -12.46 14.22 5.75
C GLU A 99 -13.77 14.72 5.16
N ARG A 100 -14.60 13.76 4.72
CA ARG A 100 -15.97 14.06 4.34
C ARG A 100 -16.92 13.35 5.27
N LEU A 101 -18.02 14.02 5.60
CA LEU A 101 -18.95 13.60 6.64
C LEU A 101 -20.27 13.24 5.97
N CYS A 102 -21.36 13.14 6.72
CA CYS A 102 -22.60 12.75 6.07
C CYS A 102 -23.04 13.86 5.12
N THR A 103 -22.28 14.00 4.04
CA THR A 103 -22.69 14.63 2.80
C THR A 103 -23.64 13.71 2.04
N ASP A 104 -23.81 12.47 2.50
CA ASP A 104 -24.80 11.56 1.94
C ASP A 104 -26.16 11.84 2.55
N ASP A 105 -26.61 13.09 2.56
CA ASP A 105 -27.79 13.44 3.33
C ASP A 105 -29.05 13.28 2.47
N SER A 106 -30.18 13.77 2.98
CA SER A 106 -31.45 13.60 2.26
C SER A 106 -31.41 14.31 0.92
N HIS A 107 -30.79 15.48 0.86
CA HIS A 107 -30.58 16.19 -0.40
C HIS A 107 -29.18 16.79 -0.39
N MET A 108 -28.30 16.22 -1.21
CA MET A 108 -26.99 16.78 -1.49
C MET A 108 -26.83 17.22 -2.93
N HIS A 109 -27.61 16.68 -3.85
CA HIS A 109 -27.57 17.08 -5.25
C HIS A 109 -28.89 17.73 -5.64
N GLY A 110 -28.87 18.44 -6.76
CA GLY A 110 -30.07 19.02 -7.30
C GLY A 110 -30.05 19.12 -8.82
N GLU A 111 -31.10 18.64 -9.47
CA GLU A 111 -31.13 18.56 -10.93
C GLU A 111 -32.56 18.81 -11.40
N GLU A 112 -32.71 19.66 -12.41
CA GLU A 112 -33.96 19.79 -13.12
C GLU A 112 -34.02 18.71 -14.20
N ASP A 113 -35.06 18.77 -15.04
CA ASP A 113 -35.42 17.68 -15.95
C ASP A 113 -34.20 17.14 -16.69
N LEU A 114 -34.18 15.82 -16.92
CA LEU A 114 -35.29 14.89 -16.67
C LEU A 114 -35.36 14.38 -15.23
N PRO A 115 -36.58 14.12 -14.75
CA PRO A 115 -36.74 13.72 -13.33
C PRO A 115 -36.11 12.37 -13.05
N ARG A 116 -35.30 12.32 -12.00
CA ARG A 116 -34.55 11.12 -11.68
C ARG A 116 -35.50 10.01 -11.22
N PRO A 117 -35.11 8.74 -11.44
CA PRO A 117 -36.06 7.62 -11.23
C PRO A 117 -36.00 7.00 -9.84
N SER A 118 -36.99 6.17 -9.52
CA SER A 118 -37.08 5.52 -8.23
C SER A 118 -36.87 4.02 -8.36
N ILE A 119 -36.30 3.41 -7.31
CA ILE A 119 -35.98 1.98 -7.29
C ILE A 119 -36.70 1.32 -6.11
N SER A 120 -37.06 0.06 -6.31
CA SER A 120 -37.80 -0.73 -5.33
C SER A 120 -37.32 -2.17 -5.41
N ALA A 121 -37.41 -2.87 -4.27
CA ALA A 121 -37.19 -4.30 -4.19
C ALA A 121 -38.43 -4.96 -3.62
N GLU A 122 -38.91 -6.01 -4.29
CA GLU A 122 -39.96 -6.84 -3.75
C GLU A 122 -39.50 -8.29 -3.68
N PRO A 123 -39.83 -9.03 -2.63
CA PRO A 123 -40.66 -8.62 -1.48
C PRO A 123 -39.94 -7.68 -0.51
N GLY A 124 -38.62 -7.56 -0.61
CA GLY A 124 -37.91 -6.68 0.29
C GLY A 124 -36.47 -6.51 -0.13
N THR A 125 -35.76 -5.69 0.64
CA THR A 125 -34.33 -5.48 0.48
C THR A 125 -33.48 -6.56 1.14
N VAL A 126 -34.08 -7.42 1.97
CA VAL A 126 -33.41 -8.59 2.52
C VAL A 126 -34.14 -9.84 2.01
N ILE A 127 -33.42 -10.69 1.30
CA ILE A 127 -34.02 -11.84 0.61
C ILE A 127 -33.32 -13.12 1.04
N PRO A 128 -34.05 -14.22 1.26
CA PRO A 128 -33.39 -15.51 1.50
C PRO A 128 -32.57 -15.94 0.30
N LEU A 129 -31.55 -16.75 0.57
CA LEU A 129 -30.77 -17.36 -0.50
C LEU A 129 -31.66 -18.29 -1.31
N GLY A 130 -31.54 -18.21 -2.63
CA GLY A 130 -32.27 -19.10 -3.50
C GLY A 130 -33.73 -18.74 -3.71
N SER A 131 -34.15 -17.54 -3.31
CA SER A 131 -35.52 -17.09 -3.50
C SER A 131 -35.57 -16.05 -4.61
N HIS A 132 -36.75 -15.48 -4.82
CA HIS A 132 -36.97 -14.51 -5.88
C HIS A 132 -36.92 -13.09 -5.33
N VAL A 133 -36.43 -12.18 -6.16
CA VAL A 133 -36.53 -10.74 -5.86
C VAL A 133 -36.68 -9.99 -7.17
N THR A 134 -37.50 -8.95 -7.17
CA THR A 134 -37.71 -8.13 -8.35
C THR A 134 -37.40 -6.68 -8.02
N PHE A 135 -36.63 -6.04 -8.90
CA PHE A 135 -36.37 -4.62 -8.84
C PHE A 135 -37.44 -3.89 -9.66
N VAL A 136 -38.14 -2.96 -9.02
CA VAL A 136 -39.13 -2.12 -9.66
C VAL A 136 -38.52 -0.75 -9.88
N CYS A 137 -38.45 -0.32 -11.13
CA CYS A 137 -37.84 0.96 -11.47
C CYS A 137 -38.90 1.84 -12.10
N ARG A 138 -39.16 3.00 -11.50
CA ARG A 138 -40.24 3.88 -11.91
C ARG A 138 -39.66 5.19 -12.42
N GLY A 139 -40.28 5.72 -13.49
CA GLY A 139 -39.87 6.97 -14.08
C GLY A 139 -40.99 7.60 -14.86
N PRO A 140 -40.68 8.67 -15.60
CA PRO A 140 -41.73 9.39 -16.33
C PRO A 140 -42.46 8.49 -17.31
N VAL A 141 -43.63 8.94 -17.75
CA VAL A 141 -44.32 8.29 -18.85
C VAL A 141 -43.54 8.52 -20.14
N GLY A 142 -43.57 7.53 -21.03
CA GLY A 142 -42.88 7.66 -22.30
C GLY A 142 -41.41 7.39 -22.28
N ILE A 143 -40.94 6.48 -21.42
CA ILE A 143 -39.55 6.07 -21.41
C ILE A 143 -39.31 5.09 -22.55
N HIS A 144 -38.18 5.25 -23.24
CA HIS A 144 -37.83 4.33 -24.32
C HIS A 144 -37.13 3.09 -23.77
N THR A 145 -36.00 3.27 -23.09
CA THR A 145 -35.23 2.16 -22.55
C THR A 145 -35.04 2.38 -21.06
N PHE A 146 -35.05 1.30 -20.29
CA PHE A 146 -34.84 1.47 -18.87
C PHE A 146 -33.74 0.50 -18.47
N ARG A 147 -32.73 0.97 -17.75
CA ARG A 147 -31.56 0.17 -17.41
C ARG A 147 -31.43 0.03 -15.90
N LEU A 148 -31.14 -1.19 -15.45
CA LEU A 148 -30.81 -1.46 -14.06
C LEU A 148 -29.31 -1.71 -13.99
N GLU A 149 -28.57 -0.76 -13.41
CA GLU A 149 -27.13 -0.87 -13.21
C GLU A 149 -26.82 -1.51 -11.86
N ARG A 150 -25.66 -2.16 -11.82
CA ARG A 150 -25.05 -2.69 -10.61
C ARG A 150 -23.82 -1.82 -10.30
N GLU A 151 -23.08 -2.18 -9.25
CA GLU A 151 -22.03 -1.32 -8.72
C GLU A 151 -21.08 -0.84 -9.80
N SER A 152 -20.68 -1.76 -10.69
CA SER A 152 -19.87 -1.41 -11.84
C SER A 152 -20.78 -1.16 -13.03
N ARG A 153 -20.54 -0.05 -13.73
CA ARG A 153 -21.03 0.03 -15.09
C ARG A 153 -20.39 -1.09 -15.89
N SER A 154 -21.09 -1.58 -16.92
CA SER A 154 -20.88 -2.81 -17.67
C SER A 154 -21.43 -4.05 -16.95
N LEU A 155 -21.95 -3.94 -15.72
CA LEU A 155 -22.76 -4.99 -15.12
C LEU A 155 -24.16 -4.42 -14.93
N TYR A 156 -25.08 -4.81 -15.80
CA TYR A 156 -26.33 -4.08 -15.96
C TYR A 156 -27.28 -4.85 -16.87
N THR A 157 -28.53 -4.40 -16.88
CA THR A 157 -29.58 -4.99 -17.71
C THR A 157 -30.45 -3.88 -18.27
N GLU A 158 -30.43 -3.71 -19.59
CA GLU A 158 -31.32 -2.78 -20.26
C GLU A 158 -32.60 -3.50 -20.70
N THR A 159 -33.67 -2.73 -20.89
CA THR A 159 -34.91 -3.31 -21.39
C THR A 159 -35.73 -2.25 -22.10
N GLU A 160 -36.53 -2.71 -23.06
CA GLU A 160 -37.59 -1.90 -23.65
C GLU A 160 -38.96 -2.23 -23.08
N ASP A 161 -39.05 -3.25 -22.23
CA ASP A 161 -40.33 -3.76 -21.71
C ASP A 161 -40.73 -2.87 -20.54
N VAL A 162 -41.26 -1.70 -20.87
CA VAL A 162 -41.72 -0.73 -19.88
C VAL A 162 -43.23 -0.67 -19.91
N THR A 163 -43.84 -0.59 -18.73
CA THR A 163 -45.28 -0.52 -18.58
C THR A 163 -45.67 0.84 -18.01
N GLN A 164 -46.64 1.50 -18.64
CA GLN A 164 -47.22 2.70 -18.07
C GLN A 164 -48.15 2.29 -16.93
N VAL A 165 -47.84 2.76 -15.73
CA VAL A 165 -48.57 2.37 -14.53
C VAL A 165 -49.54 3.46 -14.09
N SER A 166 -49.15 4.72 -14.20
CA SER A 166 -50.01 5.85 -13.87
C SER A 166 -50.00 6.84 -15.01
N PRO A 167 -51.00 7.72 -15.09
CA PRO A 167 -51.00 8.72 -16.17
C PRO A 167 -49.67 9.45 -16.32
N SER A 168 -48.91 9.58 -15.24
CA SER A 168 -47.63 10.28 -15.25
C SER A 168 -46.42 9.36 -15.21
N GLU A 169 -46.59 8.06 -14.98
CA GLU A 169 -45.43 7.22 -14.69
C GLU A 169 -45.48 5.88 -15.40
N SER A 170 -44.30 5.43 -15.84
CA SER A 170 -44.08 4.11 -16.39
C SER A 170 -42.95 3.43 -15.63
N GLU A 171 -43.01 2.09 -15.56
CA GLU A 171 -42.02 1.34 -14.81
C GLU A 171 -41.48 0.19 -15.64
N ALA A 172 -40.41 -0.40 -15.11
CA ALA A 172 -39.81 -1.61 -15.64
C ALA A 172 -39.40 -2.51 -14.48
N ARG A 173 -39.50 -3.83 -14.68
CA ARG A 173 -39.24 -4.80 -13.64
C ARG A 173 -38.11 -5.73 -14.07
N PHE A 174 -37.16 -5.96 -13.16
CA PHE A 174 -36.04 -6.87 -13.38
C PHE A 174 -36.05 -7.93 -12.30
N ARG A 175 -36.27 -9.19 -12.68
CA ARG A 175 -36.47 -10.25 -11.71
C ARG A 175 -35.25 -11.17 -11.63
N ILE A 176 -34.99 -11.65 -10.41
CA ILE A 176 -33.93 -12.61 -10.11
C ILE A 176 -34.65 -13.81 -9.48
N GLU A 177 -34.67 -14.92 -10.21
CA GLU A 177 -35.53 -16.04 -9.87
C GLU A 177 -35.05 -16.75 -8.60
N SER A 178 -33.75 -16.95 -8.47
CA SER A 178 -33.17 -17.60 -7.31
C SER A 178 -31.91 -16.84 -6.93
N VAL A 179 -31.85 -16.36 -5.69
CA VAL A 179 -30.79 -15.43 -5.28
C VAL A 179 -29.48 -16.18 -5.06
N THR A 180 -28.40 -15.56 -5.53
CA THR A 180 -27.03 -16.02 -5.32
C THR A 180 -26.30 -14.97 -4.49
N GLU A 181 -25.31 -15.39 -3.70
CA GLU A 181 -24.50 -14.42 -2.98
C GLU A 181 -23.78 -13.47 -3.92
N GLY A 182 -23.61 -13.86 -5.18
CA GLY A 182 -23.17 -12.95 -6.22
C GLY A 182 -24.23 -11.97 -6.67
N ASN A 183 -25.49 -12.14 -6.25
CA ASN A 183 -26.52 -11.15 -6.55
C ASN A 183 -26.51 -9.99 -5.55
N ALA A 184 -26.08 -10.24 -4.32
CA ALA A 184 -26.10 -9.22 -3.28
C ALA A 184 -25.21 -8.04 -3.67
N GLY A 185 -25.61 -6.85 -3.23
CA GLY A 185 -24.86 -5.66 -3.59
C GLY A 185 -25.68 -4.42 -3.88
N LEU A 186 -25.14 -3.50 -4.68
CA LEU A 186 -25.74 -2.20 -4.86
C LEU A 186 -26.34 -2.07 -6.26
N TYR A 187 -27.59 -1.63 -6.32
CA TYR A 187 -28.29 -1.46 -7.59
C TYR A 187 -28.80 -0.05 -7.74
N ARG A 188 -29.04 0.34 -9.00
CA ARG A 188 -29.48 1.69 -9.32
C ARG A 188 -30.09 1.82 -10.72
N CYS A 189 -31.23 2.49 -10.83
CA CYS A 189 -31.99 2.56 -12.07
C CYS A 189 -31.63 3.83 -12.83
N VAL A 190 -31.61 3.74 -14.16
CA VAL A 190 -31.46 4.89 -15.05
C VAL A 190 -32.42 4.66 -16.21
N TYR A 191 -32.81 5.74 -16.90
CA TYR A 191 -33.66 5.60 -18.08
C TYR A 191 -33.12 6.42 -19.24
N TYR A 192 -33.35 5.92 -20.45
CA TYR A 192 -33.14 6.67 -21.67
C TYR A 192 -34.53 6.99 -22.23
N LYS A 193 -34.94 8.24 -22.06
CA LYS A 193 -36.07 8.83 -22.76
C LYS A 193 -35.48 9.84 -23.73
N PRO A 194 -35.54 9.60 -25.03
CA PRO A 194 -34.72 10.38 -25.96
C PRO A 194 -34.99 11.84 -25.82
N PRO A 195 -34.02 12.72 -26.14
CA PRO A 195 -32.77 12.42 -26.85
C PRO A 195 -31.60 11.88 -26.03
N LYS A 196 -31.55 12.17 -24.73
CA LYS A 196 -30.42 11.76 -23.91
C LYS A 196 -30.92 11.04 -22.65
N TRP A 197 -29.97 10.59 -21.85
CA TRP A 197 -30.24 9.67 -20.75
C TRP A 197 -30.76 10.42 -19.52
N SER A 198 -30.79 9.73 -18.38
CA SER A 198 -31.36 10.23 -17.15
C SER A 198 -30.28 10.49 -16.11
N GLU A 199 -30.67 11.24 -15.08
CA GLU A 199 -30.02 11.15 -13.80
C GLU A 199 -30.26 9.76 -13.22
N GLN A 200 -29.38 9.35 -12.31
CA GLN A 200 -29.43 7.98 -11.82
C GLN A 200 -30.28 7.90 -10.55
N SER A 201 -30.77 6.69 -10.28
CA SER A 201 -31.59 6.46 -9.10
C SER A 201 -30.74 6.65 -7.84
N ASP A 202 -31.39 6.50 -6.69
CA ASP A 202 -30.63 6.30 -5.47
C ASP A 202 -30.05 4.89 -5.47
N TYR A 203 -29.12 4.64 -4.55
CA TYR A 203 -28.56 3.31 -4.41
C TYR A 203 -29.51 2.42 -3.62
N LEU A 204 -29.43 1.11 -3.88
CA LEU A 204 -30.23 0.15 -3.14
C LEU A 204 -29.37 -1.06 -2.78
N GLU A 205 -29.47 -1.48 -1.52
CA GLU A 205 -28.64 -2.55 -0.96
C GLU A 205 -29.44 -3.84 -0.90
N LEU A 206 -28.96 -4.87 -1.59
CA LEU A 206 -29.55 -6.20 -1.56
C LEU A 206 -28.66 -7.12 -0.72
N LEU A 207 -29.28 -7.87 0.18
CA LEU A 207 -28.57 -8.72 1.13
C LEU A 207 -29.25 -10.09 1.21
N VAL A 208 -28.44 -11.13 1.39
CA VAL A 208 -28.98 -12.47 1.62
C VAL A 208 -29.44 -12.58 3.07
N LYS A 209 -30.34 -13.53 3.34
CA LYS A 209 -30.82 -13.70 4.71
C LYS A 209 -29.68 -14.12 5.64
N GLY A 210 -29.67 -13.50 6.82
CA GLY A 210 -28.59 -13.62 7.77
C GLY A 210 -28.33 -12.25 8.35
N GLU A 211 -28.93 -11.24 7.71
CA GLU A 211 -28.82 -9.86 8.12
C GLU A 211 -30.21 -9.26 8.30
N ASP A 212 -30.24 -8.05 8.87
CA ASP A 212 -31.46 -7.31 9.12
C ASP A 212 -31.33 -5.91 8.53
N VAL A 213 -32.27 -5.50 7.69
CA VAL A 213 -32.17 -4.25 6.96
C VAL A 213 -33.41 -3.41 7.23
N THR A 214 -33.17 -2.14 7.55
CA THR A 214 -34.19 -1.14 7.84
C THR A 214 -33.88 0.05 6.94
N ARG A 215 -33.85 -0.21 5.63
CA ARG A 215 -32.91 0.36 4.68
C ARG A 215 -32.45 1.79 4.95
N ALA A 216 -33.36 2.77 4.89
CA ALA A 216 -33.03 4.16 5.18
C ALA A 216 -34.29 4.99 5.01
N LEU A 217 -34.30 6.15 5.65
CA LEU A 217 -35.42 7.09 5.55
C LEU A 217 -34.86 8.49 5.77
N PHE A 218 -35.73 9.45 6.11
CA PHE A 218 -35.33 10.85 6.19
C PHE A 218 -34.11 11.06 7.09
N THR A 219 -34.00 10.31 8.18
CA THR A 219 -32.83 10.41 9.04
C THR A 219 -31.63 9.87 8.28
N HIS A 220 -30.82 10.78 7.75
CA HIS A 220 -29.69 10.44 6.90
C HIS A 220 -28.46 10.16 7.75
N CYS A 221 -27.85 9.00 7.53
CA CYS A 221 -26.64 8.54 8.21
C CYS A 221 -26.86 8.34 9.71
N GLY A 222 -28.11 8.34 10.16
CA GLY A 222 -28.43 8.49 11.56
C GLY A 222 -27.69 7.59 12.54
N GLY A 223 -28.00 6.30 12.51
CA GLY A 223 -27.40 5.39 13.46
C GLY A 223 -26.54 4.34 12.81
N ASP A 224 -27.12 3.15 12.58
CA ASP A 224 -26.38 2.01 12.05
C ASP A 224 -25.53 2.38 10.83
N GLY A 225 -25.93 3.39 10.07
CA GLY A 225 -25.17 3.83 8.92
C GLY A 225 -24.42 5.12 9.18
N LYS A 226 -23.70 5.19 10.30
CA LYS A 226 -23.19 6.44 10.86
C LYS A 226 -22.55 7.32 9.79
N GLU A 227 -22.51 8.62 10.08
CA GLU A 227 -21.92 9.62 9.22
C GLU A 227 -20.57 9.17 8.68
N SER A 228 -20.51 9.10 7.36
CA SER A 228 -19.49 8.40 6.59
C SER A 228 -19.35 9.15 5.28
N ASP A 229 -18.98 8.43 4.21
CA ASP A 229 -18.44 9.06 3.01
C ASP A 229 -17.08 9.64 3.37
N TYR A 230 -16.41 8.94 4.28
CA TYR A 230 -15.21 9.39 4.96
C TYR A 230 -14.07 9.26 3.97
N HIS A 231 -14.29 9.80 2.78
CA HIS A 231 -13.51 9.44 1.60
C HIS A 231 -12.26 10.30 1.48
N MET A 232 -11.95 11.06 2.54
CA MET A 232 -10.72 11.84 2.63
C MET A 232 -10.42 12.49 1.30
N ASP A 233 -11.35 13.36 0.88
CA ASP A 233 -11.39 13.93 -0.46
C ASP A 233 -10.00 14.32 -0.96
N VAL A 234 -9.32 15.18 -0.21
CA VAL A 234 -8.13 15.87 -0.68
C VAL A 234 -6.95 15.41 0.17
N TRP A 235 -5.86 15.05 -0.50
CA TRP A 235 -4.64 14.64 0.17
C TRP A 235 -3.51 15.56 -0.26
N GLY A 236 -2.68 15.97 0.69
CA GLY A 236 -1.48 16.70 0.40
C GLY A 236 -0.38 15.78 -0.09
N LYS A 237 0.82 16.33 -0.17
CA LYS A 237 2.00 15.54 -0.52
C LYS A 237 2.92 15.29 0.67
N GLY A 238 2.56 15.77 1.86
CA GLY A 238 3.21 15.37 3.08
C GLY A 238 4.54 16.03 3.32
N THR A 239 5.05 15.85 4.54
CA THR A 239 6.42 16.19 4.87
C THR A 239 7.07 15.08 5.67
N THR A 240 8.36 14.89 5.43
CA THR A 240 9.14 13.83 6.04
C THR A 240 9.51 14.22 7.47
N VAL A 241 9.09 13.41 8.45
CA VAL A 241 9.47 13.59 9.85
C VAL A 241 10.43 12.44 10.17
N THR A 242 11.68 12.79 10.48
CA THR A 242 12.76 11.84 10.67
C THR A 242 13.25 11.93 12.11
N VAL A 243 13.27 10.78 12.80
CA VAL A 243 13.64 10.67 14.19
C VAL A 243 14.78 9.66 14.26
N SER A 244 15.96 10.11 14.67
CA SER A 244 17.12 9.24 14.61
C SER A 244 18.11 9.54 15.73
N SER A 245 18.57 8.49 16.42
CA SER A 245 19.78 8.52 17.24
C SER A 245 20.95 8.06 16.37
N ALA A 246 21.45 8.97 15.54
CA ALA A 246 22.53 8.62 14.64
C ALA A 246 23.32 9.87 14.24
N SER A 247 24.64 9.73 14.21
CA SER A 247 25.56 10.77 13.80
C SER A 247 26.36 10.30 12.58
N THR A 248 27.17 11.22 12.06
CA THR A 248 28.09 10.88 10.98
C THR A 248 29.01 9.74 11.43
N LYS A 249 29.16 8.75 10.57
CA LYS A 249 30.00 7.60 10.90
C LYS A 249 30.50 6.95 9.62
N GLY A 250 31.81 6.83 9.49
CA GLY A 250 32.39 6.08 8.40
C GLY A 250 31.98 4.64 8.49
N PRO A 251 31.93 3.95 7.36
CA PRO A 251 31.58 2.53 7.36
C PRO A 251 32.77 1.63 7.66
N SER A 252 32.45 0.40 8.06
CA SER A 252 33.46 -0.66 8.20
C SER A 252 33.24 -1.66 7.06
N VAL A 253 34.32 -1.99 6.35
CA VAL A 253 34.25 -2.75 5.11
C VAL A 253 34.78 -4.16 5.36
N PHE A 254 34.03 -5.16 4.93
CA PHE A 254 34.50 -6.53 5.01
C PHE A 254 34.49 -7.18 3.63
N PRO A 255 35.40 -8.10 3.38
CA PRO A 255 35.41 -8.79 2.08
C PRO A 255 34.44 -9.95 2.02
N LEU A 256 33.50 -9.93 1.08
CA LEU A 256 32.62 -11.07 0.84
C LEU A 256 33.38 -11.96 -0.14
N ALA A 257 34.02 -12.99 0.40
CA ALA A 257 34.99 -13.77 -0.36
C ALA A 257 34.28 -14.72 -1.33
N PRO A 258 34.74 -14.82 -2.57
CA PRO A 258 34.12 -15.78 -3.51
C PRO A 258 34.12 -17.18 -2.94
N SER A 259 32.93 -17.71 -2.67
CA SER A 259 32.79 -19.00 -2.02
C SER A 259 32.64 -20.10 -3.07
N SER A 260 32.52 -21.34 -2.57
CA SER A 260 32.19 -22.45 -3.46
C SER A 260 30.87 -22.24 -4.17
N LYS A 261 30.00 -21.39 -3.61
CA LYS A 261 28.81 -20.97 -4.35
C LYS A 261 29.21 -19.90 -5.37
N SER A 262 30.21 -20.22 -6.18
CA SER A 262 30.42 -19.49 -7.42
C SER A 262 29.29 -19.87 -8.39
N THR A 263 28.70 -18.87 -9.03
CA THR A 263 27.64 -19.17 -9.99
C THR A 263 28.17 -20.08 -11.08
N SER A 264 27.35 -21.05 -11.47
CA SER A 264 27.81 -22.10 -12.36
C SER A 264 28.29 -21.54 -13.69
N GLY A 265 29.38 -22.12 -14.20
CA GLY A 265 29.95 -21.69 -15.47
C GLY A 265 31.21 -20.87 -15.33
N GLY A 266 32.05 -21.21 -14.36
CA GLY A 266 33.32 -20.52 -14.19
C GLY A 266 33.20 -19.05 -13.90
N THR A 267 32.15 -18.64 -13.19
CA THR A 267 31.96 -17.24 -12.80
C THR A 267 31.58 -17.20 -11.32
N ALA A 268 32.49 -16.69 -10.50
CA ALA A 268 32.23 -16.51 -9.08
C ALA A 268 31.67 -15.11 -8.82
N ALA A 269 31.19 -14.92 -7.60
CA ALA A 269 30.67 -13.63 -7.14
C ALA A 269 31.60 -13.11 -6.05
N LEU A 270 32.44 -12.14 -6.40
CA LEU A 270 33.13 -11.36 -5.39
C LEU A 270 32.17 -10.36 -4.77
N GLY A 271 32.43 -10.01 -3.51
CA GLY A 271 31.57 -9.04 -2.84
C GLY A 271 32.32 -8.19 -1.86
N CYS A 272 31.65 -7.13 -1.44
CA CYS A 272 32.27 -6.14 -0.57
C CYS A 272 31.16 -5.58 0.29
N LEU A 273 31.24 -5.81 1.60
CA LEU A 273 30.15 -5.49 2.52
C LEU A 273 30.50 -4.17 3.23
N VAL A 274 29.67 -3.16 3.02
CA VAL A 274 29.85 -1.82 3.57
C VAL A 274 28.87 -1.70 4.75
N LYS A 275 29.36 -1.86 5.97
CA LYS A 275 28.52 -2.08 7.14
C LYS A 275 28.52 -0.86 8.05
N ASP A 276 27.34 -0.51 8.55
CA ASP A 276 27.18 0.40 9.69
C ASP A 276 27.79 1.78 9.40
N TYR A 277 27.22 2.47 8.43
CA TYR A 277 27.56 3.87 8.18
C TYR A 277 26.34 4.77 8.33
N PHE A 278 26.57 6.09 8.29
CA PHE A 278 25.52 7.09 8.35
C PHE A 278 26.08 8.47 8.00
N PRO A 279 25.38 9.29 7.19
CA PRO A 279 24.20 9.03 6.37
C PRO A 279 24.64 8.63 4.96
N GLU A 280 23.70 8.44 4.04
CA GLU A 280 24.06 8.19 2.66
C GLU A 280 24.52 9.49 2.00
N PRO A 281 25.16 9.42 0.82
CA PRO A 281 25.47 8.24 0.00
C PRO A 281 26.83 7.58 0.26
N VAL A 282 26.97 6.34 -0.21
CA VAL A 282 28.26 5.66 -0.33
C VAL A 282 28.44 5.30 -1.79
N THR A 283 29.61 5.63 -2.35
CA THR A 283 29.93 5.29 -3.73
C THR A 283 30.95 4.17 -3.74
N VAL A 284 30.74 3.18 -4.59
CA VAL A 284 31.60 2.00 -4.68
C VAL A 284 32.07 1.82 -6.11
N SER A 285 33.38 1.63 -6.27
CA SER A 285 33.98 1.30 -7.55
C SER A 285 34.96 0.15 -7.31
N TRP A 286 35.38 -0.49 -8.40
CA TRP A 286 36.35 -1.58 -8.29
C TRP A 286 37.56 -1.28 -9.16
N ASN A 287 38.75 -1.49 -8.57
CA ASN A 287 40.02 -1.28 -9.25
C ASN A 287 40.09 0.12 -9.84
N SER A 288 39.69 1.12 -9.04
CA SER A 288 39.63 2.52 -9.47
C SER A 288 38.71 2.68 -10.67
N GLY A 289 37.60 1.93 -10.66
CA GLY A 289 36.66 1.99 -11.76
C GLY A 289 37.10 1.24 -13.00
N ALA A 290 38.23 0.53 -12.95
CA ALA A 290 38.68 -0.21 -14.12
C ALA A 290 37.81 -1.40 -14.43
N LEU A 291 36.95 -1.81 -13.49
CA LEU A 291 36.01 -2.90 -13.71
C LEU A 291 34.60 -2.36 -13.61
N THR A 292 33.83 -2.51 -14.70
CA THR A 292 32.46 -2.03 -14.80
C THR A 292 31.48 -3.17 -15.03
N SER A 293 31.78 -4.04 -16.00
CA SER A 293 30.91 -5.16 -16.32
C SER A 293 30.85 -6.16 -15.16
N GLY A 294 29.63 -6.57 -14.81
CA GLY A 294 29.39 -7.48 -13.71
C GLY A 294 29.11 -6.81 -12.37
N VAL A 295 29.36 -5.50 -12.27
CA VAL A 295 29.27 -4.81 -10.99
C VAL A 295 27.81 -4.48 -10.69
N HIS A 296 27.37 -4.77 -9.48
CA HIS A 296 26.02 -4.47 -9.02
C HIS A 296 26.16 -4.06 -7.55
N THR A 297 26.02 -2.77 -7.29
CA THR A 297 25.90 -2.26 -5.93
C THR A 297 24.43 -2.12 -5.62
N PHE A 298 24.08 -2.38 -4.38
CA PHE A 298 22.70 -2.63 -4.01
C PHE A 298 22.08 -1.39 -3.37
N PRO A 299 20.77 -1.40 -3.14
CA PRO A 299 20.20 -0.42 -2.24
C PRO A 299 20.68 -0.69 -0.83
N ALA A 300 20.90 0.39 -0.07
CA ALA A 300 21.36 0.21 1.29
C ALA A 300 20.19 -0.18 2.18
N VAL A 301 20.50 -0.58 3.40
CA VAL A 301 19.50 -0.95 4.39
C VAL A 301 19.51 0.10 5.49
N LEU A 302 18.36 0.35 6.08
CA LEU A 302 18.26 1.13 7.30
C LEU A 302 18.04 0.17 8.46
N GLN A 303 19.07 -0.02 9.26
CA GLN A 303 19.02 -0.99 10.34
C GLN A 303 18.39 -0.38 11.58
N SER A 304 17.93 -1.26 12.48
CA SER A 304 17.33 -0.80 13.73
C SER A 304 18.29 0.09 14.50
N SER A 305 19.59 -0.11 14.27
CA SER A 305 20.61 0.75 14.86
C SER A 305 20.50 2.19 14.35
N GLY A 306 19.76 2.40 13.26
CA GLY A 306 19.74 3.69 12.60
C GLY A 306 20.88 3.93 11.65
N LEU A 307 21.63 2.89 11.30
CA LEU A 307 22.81 2.98 10.45
C LEU A 307 22.58 2.18 9.17
N TYR A 308 23.18 2.65 8.08
CA TYR A 308 23.00 2.04 6.78
C TYR A 308 24.03 0.94 6.52
N SER A 309 23.63 -0.06 5.74
CA SER A 309 24.57 -1.07 5.24
C SER A 309 24.28 -1.37 3.78
N LEU A 310 25.30 -1.92 3.12
CA LEU A 310 25.37 -1.95 1.67
C LEU A 310 26.20 -3.16 1.26
N SER A 311 26.01 -3.60 0.02
CA SER A 311 26.80 -4.69 -0.54
C SER A 311 27.02 -4.45 -2.03
N SER A 312 28.27 -4.59 -2.45
CA SER A 312 28.67 -4.43 -3.84
C SER A 312 29.26 -5.74 -4.34
N VAL A 313 28.69 -6.29 -5.40
CA VAL A 313 29.03 -7.63 -5.88
C VAL A 313 29.40 -7.57 -7.36
N VAL A 314 30.48 -8.27 -7.73
CA VAL A 314 30.86 -8.38 -9.13
C VAL A 314 30.99 -9.86 -9.49
N THR A 315 30.31 -10.26 -10.56
CA THR A 315 30.51 -11.59 -11.13
C THR A 315 31.72 -11.57 -12.04
N VAL A 316 32.52 -12.63 -11.96
CA VAL A 316 33.86 -12.59 -12.57
C VAL A 316 34.38 -14.00 -12.81
N PRO A 317 35.07 -14.27 -13.93
CA PRO A 317 35.55 -15.63 -14.19
C PRO A 317 36.52 -16.14 -13.13
N SER A 318 36.70 -17.46 -13.13
CA SER A 318 37.50 -18.15 -12.11
C SER A 318 38.98 -18.23 -12.48
N SER A 319 39.30 -18.43 -13.76
CA SER A 319 40.68 -18.25 -14.19
C SER A 319 41.17 -16.86 -13.79
N SER A 320 40.28 -15.87 -13.80
CA SER A 320 40.58 -14.56 -13.24
C SER A 320 40.79 -14.64 -11.73
N LEU A 321 39.96 -15.41 -11.03
CA LEU A 321 40.13 -15.59 -9.59
C LEU A 321 41.55 -16.01 -9.27
N GLY A 322 42.12 -16.87 -10.09
CA GLY A 322 43.51 -17.25 -9.90
C GLY A 322 44.47 -16.07 -9.96
N THR A 323 44.39 -15.29 -11.04
CA THR A 323 45.52 -14.40 -11.38
C THR A 323 45.49 -13.05 -10.68
N GLN A 324 44.52 -12.20 -11.00
CA GLN A 324 44.71 -10.77 -10.74
C GLN A 324 43.99 -10.34 -9.47
N THR A 325 44.09 -9.04 -9.19
CA THR A 325 43.67 -8.42 -7.95
C THR A 325 42.30 -7.77 -8.12
N TYR A 326 41.50 -7.83 -7.06
CA TYR A 326 40.15 -7.28 -7.05
C TYR A 326 39.96 -6.46 -5.79
N ILE A 327 39.75 -5.16 -5.94
CA ILE A 327 39.80 -4.21 -4.84
C ILE A 327 38.54 -3.39 -4.80
N CYS A 328 38.00 -3.22 -3.59
CA CYS A 328 36.95 -2.26 -3.31
C CYS A 328 37.56 -0.88 -3.17
N ASN A 329 36.95 0.10 -3.83
CA ASN A 329 37.11 1.52 -3.56
C ASN A 329 35.78 2.00 -3.01
N VAL A 330 35.73 2.27 -1.70
CA VAL A 330 34.52 2.67 -1.01
C VAL A 330 34.72 4.11 -0.54
N ASN A 331 33.76 4.98 -0.87
CA ASN A 331 33.89 6.40 -0.56
C ASN A 331 32.63 6.87 0.15
N HIS A 332 32.79 7.30 1.39
CA HIS A 332 31.74 7.91 2.19
C HIS A 332 32.16 9.37 2.38
N LYS A 333 31.71 10.22 1.45
CA LYS A 333 32.01 11.64 1.54
C LYS A 333 31.44 12.33 2.78
N PRO A 334 30.29 11.93 3.33
CA PRO A 334 29.82 12.56 4.57
C PRO A 334 30.80 12.48 5.75
N SER A 335 31.63 11.44 5.81
CA SER A 335 32.68 11.35 6.81
C SER A 335 34.07 11.52 6.19
N ASN A 336 34.15 11.83 4.90
CA ASN A 336 35.41 11.84 4.16
C ASN A 336 36.25 10.60 4.47
N THR A 337 35.58 9.45 4.43
CA THR A 337 36.21 8.16 4.62
C THR A 337 36.40 7.51 3.26
N LYS A 338 37.61 7.01 3.01
CA LYS A 338 37.91 6.27 1.80
C LYS A 338 38.60 4.98 2.19
N VAL A 339 38.06 3.85 1.74
CA VAL A 339 38.56 2.53 2.11
C VAL A 339 38.81 1.72 0.84
N ASP A 340 40.04 1.22 0.70
CA ASP A 340 40.40 0.27 -0.34
C ASP A 340 40.65 -1.08 0.32
N LYS A 341 40.07 -2.14 -0.25
CA LYS A 341 40.30 -3.46 0.33
C LYS A 341 40.22 -4.54 -0.74
N LYS A 342 41.20 -5.44 -0.77
CA LYS A 342 41.24 -6.47 -1.79
C LYS A 342 40.38 -7.65 -1.35
N VAL A 343 39.36 -7.98 -2.14
CA VAL A 343 38.65 -9.23 -1.97
C VAL A 343 39.48 -10.37 -2.55
N GLU A 344 39.42 -11.53 -1.90
CA GLU A 344 40.33 -12.62 -2.18
C GLU A 344 39.61 -13.94 -2.01
N PRO A 345 40.02 -14.99 -2.74
CA PRO A 345 39.60 -16.34 -2.36
C PRO A 345 40.09 -16.67 -0.96
N LYS A 346 39.25 -17.35 -0.18
CA LYS A 346 39.57 -17.66 1.20
C LYS A 346 40.45 -18.90 1.30
N SER A 347 41.43 -18.84 2.20
CA SER A 347 42.51 -19.82 2.32
C SER A 347 41.97 -21.23 2.47
N CYS A 348 41.28 -21.48 3.58
CA CYS A 348 40.42 -22.65 3.74
C CYS A 348 41.21 -23.96 3.81
N GLN B 1 -6.81 -1.62 17.96
CA GLN B 1 -6.04 -2.80 17.59
C GLN B 1 -6.58 -3.36 16.27
N THR B 2 -7.71 -2.80 15.82
CA THR B 2 -8.43 -3.35 14.67
C THR B 2 -7.53 -3.43 13.43
N VAL B 3 -7.67 -4.52 12.68
CA VAL B 3 -6.80 -4.84 11.56
C VAL B 3 -7.62 -4.96 10.28
N VAL B 4 -7.11 -4.36 9.20
CA VAL B 4 -7.72 -4.42 7.88
C VAL B 4 -6.69 -5.00 6.92
N THR B 5 -7.05 -6.07 6.22
CA THR B 5 -6.12 -6.88 5.45
C THR B 5 -6.48 -6.85 3.97
N GLN B 6 -5.48 -6.63 3.12
CA GLN B 6 -5.63 -6.78 1.68
C GLN B 6 -4.37 -7.42 1.10
N GLU B 7 -4.50 -7.94 -0.12
CA GLU B 7 -3.44 -8.73 -0.72
C GLU B 7 -2.15 -7.92 -0.84
N PRO B 8 -1.00 -8.48 -0.46
CA PRO B 8 0.25 -7.69 -0.54
C PRO B 8 0.67 -7.34 -1.96
N SER B 9 0.55 -8.27 -2.91
CA SER B 9 0.94 -8.00 -4.29
C SER B 9 0.01 -8.74 -5.24
N LEU B 10 -0.22 -8.15 -6.41
CA LEU B 10 -1.04 -8.74 -7.44
C LEU B 10 -0.54 -8.29 -8.81
N THR B 11 -0.72 -9.14 -9.81
CA THR B 11 -0.18 -8.92 -11.15
C THR B 11 -1.28 -9.05 -12.20
N VAL B 12 -1.22 -8.21 -13.24
CA VAL B 12 -2.24 -8.20 -14.29
C VAL B 12 -1.58 -7.96 -15.65
N SER B 13 -2.14 -8.59 -16.68
CA SER B 13 -1.74 -8.33 -18.06
C SER B 13 -2.44 -7.08 -18.59
N PRO B 14 -1.79 -6.32 -19.48
CA PRO B 14 -2.45 -5.15 -20.06
C PRO B 14 -3.79 -5.50 -20.70
N GLY B 15 -4.87 -4.95 -20.16
CA GLY B 15 -6.23 -5.26 -20.60
C GLY B 15 -7.00 -6.19 -19.68
N GLY B 16 -6.37 -6.76 -18.66
CA GLY B 16 -6.99 -7.77 -17.84
C GLY B 16 -7.99 -7.23 -16.84
N THR B 17 -8.36 -8.10 -15.90
CA THR B 17 -9.27 -7.77 -14.81
C THR B 17 -8.74 -8.36 -13.51
N VAL B 18 -8.66 -7.53 -12.46
CA VAL B 18 -8.19 -7.96 -11.15
C VAL B 18 -9.18 -7.47 -10.10
N THR B 19 -9.26 -8.20 -9.00
CA THR B 19 -10.10 -7.82 -7.87
C THR B 19 -9.26 -7.84 -6.60
N LEU B 20 -9.33 -6.77 -5.83
CA LEU B 20 -8.55 -6.61 -4.61
C LEU B 20 -9.50 -6.63 -3.42
N THR B 21 -9.21 -7.47 -2.43
CA THR B 21 -10.10 -7.57 -1.29
C THR B 21 -9.67 -6.58 -0.19
N CYS B 22 -10.51 -6.49 0.85
CA CYS B 22 -10.24 -5.64 2.01
C CYS B 22 -11.01 -6.27 3.18
N ALA B 23 -10.29 -6.98 4.04
CA ALA B 23 -10.92 -7.82 5.06
C ALA B 23 -10.83 -7.16 6.43
N SER B 24 -11.97 -6.99 7.08
CA SER B 24 -12.01 -6.53 8.46
C SER B 24 -11.72 -7.69 9.40
N SER B 25 -10.86 -7.44 10.39
CA SER B 25 -10.65 -8.42 11.45
C SER B 25 -11.86 -8.56 12.35
N THR B 26 -12.85 -7.67 12.25
CA THR B 26 -14.09 -7.85 12.98
C THR B 26 -14.90 -9.05 12.49
N GLY B 27 -14.50 -9.64 11.35
CA GLY B 27 -15.10 -10.86 10.85
C GLY B 27 -15.96 -10.67 9.63
N ALA B 28 -16.56 -9.48 9.47
CA ALA B 28 -17.44 -9.22 8.34
C ALA B 28 -17.30 -7.77 7.93
N VAL B 29 -17.47 -7.52 6.63
CA VAL B 29 -17.42 -6.17 6.08
C VAL B 29 -18.77 -5.89 5.43
N THR B 30 -19.56 -5.02 6.05
CA THR B 30 -20.84 -4.59 5.50
C THR B 30 -20.66 -3.25 4.80
N SER B 31 -21.75 -2.73 4.25
CA SER B 31 -21.74 -1.37 3.72
C SER B 31 -21.82 -0.32 4.83
N GLY B 32 -22.20 -0.72 6.04
CA GLY B 32 -22.20 0.20 7.18
C GLY B 32 -20.81 0.64 7.60
N TYR B 33 -19.78 -0.14 7.27
CA TYR B 33 -18.40 0.32 7.41
C TYR B 33 -17.98 1.24 6.27
N TYR B 34 -18.79 1.31 5.22
CA TYR B 34 -18.67 2.33 4.17
C TYR B 34 -17.32 2.35 3.44
N PRO B 35 -16.79 1.19 3.03
CA PRO B 35 -15.42 1.12 2.50
C PRO B 35 -15.07 2.16 1.43
N SER B 36 -13.78 2.51 1.39
CA SER B 36 -13.23 3.48 0.46
C SER B 36 -11.90 2.96 -0.07
N TRP B 37 -11.52 3.38 -1.28
CA TRP B 37 -10.34 2.86 -1.96
C TRP B 37 -9.50 3.97 -2.58
N PHE B 38 -8.17 3.85 -2.46
CA PHE B 38 -7.23 4.90 -2.81
C PHE B 38 -6.06 4.29 -3.57
N HIS B 39 -5.43 5.06 -4.47
CA HIS B 39 -4.17 4.60 -5.04
C HIS B 39 -3.11 5.67 -4.84
N GLN B 40 -1.85 5.22 -4.82
CA GLN B 40 -0.69 6.08 -4.62
C GLN B 40 0.37 5.71 -5.65
N LYS B 41 0.82 6.69 -6.41
CA LYS B 41 1.87 6.52 -7.41
C LYS B 41 3.12 7.26 -6.98
N PRO B 42 4.29 6.87 -7.51
CA PRO B 42 5.53 7.60 -7.18
C PRO B 42 5.40 9.09 -7.47
N GLY B 43 5.84 9.90 -6.50
CA GLY B 43 5.94 11.33 -6.67
C GLY B 43 4.65 12.11 -6.55
N GLN B 44 3.50 11.47 -6.54
CA GLN B 44 2.23 12.20 -6.54
C GLN B 44 1.36 11.76 -5.37
N PRO B 45 0.49 12.66 -4.89
CA PRO B 45 -0.23 12.40 -3.64
C PRO B 45 -1.15 11.20 -3.76
N VAL B 46 -1.53 10.66 -2.60
CA VAL B 46 -2.60 9.67 -2.50
C VAL B 46 -3.83 10.25 -3.18
N ARG B 47 -4.31 9.59 -4.22
CA ARG B 47 -5.58 9.91 -4.84
C ARG B 47 -6.64 8.98 -4.28
N ALA B 48 -7.89 9.43 -4.31
CA ALA B 48 -9.02 8.67 -3.78
C ALA B 48 -9.95 8.24 -4.91
N LEU B 49 -10.46 7.01 -4.82
CA LEU B 49 -11.14 6.40 -5.97
C LEU B 49 -12.60 6.00 -5.74
N ILE B 50 -12.88 5.26 -4.68
CA ILE B 50 -14.20 4.68 -4.44
C ILE B 50 -14.60 4.93 -3.00
N TYR B 51 -15.89 5.19 -2.76
CA TYR B 51 -16.38 5.42 -1.41
C TYR B 51 -17.77 4.84 -1.23
N SER B 52 -18.12 4.61 0.04
CA SER B 52 -19.38 3.97 0.43
C SER B 52 -19.61 2.69 -0.36
N THR B 53 -18.54 1.91 -0.53
CA THR B 53 -18.40 0.62 -1.22
C THR B 53 -18.43 0.68 -2.74
N SER B 54 -19.01 1.71 -3.34
CA SER B 54 -19.07 1.72 -4.80
C SER B 54 -18.99 3.11 -5.40
N LYS B 55 -19.21 4.15 -4.60
CA LYS B 55 -19.41 5.49 -5.15
C LYS B 55 -18.14 5.99 -5.82
N THR B 56 -18.27 6.46 -7.06
CA THR B 56 -17.14 6.83 -7.90
C THR B 56 -16.96 8.35 -7.90
N HIS B 57 -15.84 8.81 -8.45
CA HIS B 57 -15.57 10.22 -8.63
C HIS B 57 -15.38 10.62 -10.09
N SER B 58 -15.02 11.90 -10.25
CA SER B 58 -14.81 12.49 -11.57
C SER B 58 -13.53 11.96 -12.21
N TRP B 59 -12.47 11.78 -11.41
CA TRP B 59 -11.18 11.34 -11.91
C TRP B 59 -11.09 9.84 -12.14
N THR B 60 -12.01 9.07 -11.55
CA THR B 60 -11.99 7.62 -11.64
C THR B 60 -12.78 7.16 -12.86
N PRO B 61 -12.18 6.38 -13.74
CA PRO B 61 -12.93 5.81 -14.86
C PRO B 61 -13.74 4.59 -14.44
N ALA B 62 -14.79 4.32 -15.21
CA ALA B 62 -15.68 3.18 -14.95
C ALA B 62 -14.94 1.85 -15.02
N ARG B 63 -13.73 1.84 -15.56
CA ARG B 63 -12.84 0.68 -15.45
C ARG B 63 -12.73 0.24 -14.01
N PHE B 64 -12.53 1.20 -13.11
CA PHE B 64 -12.49 0.98 -11.68
C PHE B 64 -13.92 0.97 -11.14
N SER B 65 -14.25 -0.06 -10.36
CA SER B 65 -15.43 0.02 -9.51
C SER B 65 -15.39 -1.11 -8.50
N GLY B 66 -15.88 -0.82 -7.29
CA GLY B 66 -15.85 -1.77 -6.20
C GLY B 66 -17.23 -2.31 -5.80
N SER B 67 -17.18 -3.26 -4.89
CA SER B 67 -18.37 -3.93 -4.38
C SER B 67 -18.03 -4.56 -3.04
N LEU B 68 -19.00 -5.27 -2.47
CA LEU B 68 -18.75 -6.13 -1.31
C LEU B 68 -18.76 -7.58 -1.78
N LEU B 69 -17.79 -8.36 -1.29
CA LEU B 69 -17.60 -9.71 -1.80
C LEU B 69 -17.03 -10.61 -0.71
N GLY B 70 -17.81 -11.60 -0.30
CA GLY B 70 -17.33 -12.65 0.58
C GLY B 70 -16.91 -12.19 1.96
N GLY B 71 -17.62 -11.24 2.54
CA GLY B 71 -17.26 -10.66 3.80
C GLY B 71 -16.16 -9.61 3.73
N LYS B 72 -15.68 -9.28 2.53
CA LYS B 72 -14.62 -8.32 2.33
C LYS B 72 -15.01 -7.34 1.25
N ALA B 73 -14.72 -6.07 1.46
CA ALA B 73 -14.89 -5.08 0.39
C ALA B 73 -13.91 -5.37 -0.74
N ALA B 74 -14.34 -5.07 -1.96
CA ALA B 74 -13.57 -5.42 -3.16
C ALA B 74 -13.48 -4.23 -4.09
N LEU B 75 -12.38 -4.17 -4.84
CA LEU B 75 -12.19 -3.21 -5.92
C LEU B 75 -11.86 -3.99 -7.17
N THR B 76 -12.64 -3.79 -8.24
CA THR B 76 -12.50 -4.56 -9.46
C THR B 76 -12.05 -3.65 -10.60
N LEU B 77 -10.86 -3.93 -11.15
CA LEU B 77 -10.34 -3.21 -12.30
C LEU B 77 -10.72 -3.90 -13.60
N SER B 78 -10.85 -3.11 -14.66
CA SER B 78 -11.18 -3.63 -15.97
C SER B 78 -10.38 -2.87 -17.02
N ASN B 79 -10.09 -3.57 -18.12
CA ASN B 79 -9.26 -3.01 -19.20
C ASN B 79 -7.99 -2.38 -18.64
N VAL B 80 -7.32 -3.13 -17.75
CA VAL B 80 -6.19 -2.58 -17.00
C VAL B 80 -5.13 -2.10 -17.97
N GLN B 81 -4.83 -0.81 -17.92
CA GLN B 81 -3.83 -0.15 -18.75
C GLN B 81 -2.54 0.06 -17.95
N PRO B 82 -1.40 0.20 -18.63
CA PRO B 82 -0.13 0.27 -17.88
C PRO B 82 -0.03 1.44 -16.93
N GLU B 83 -0.81 2.49 -17.16
CA GLU B 83 -0.78 3.66 -16.30
C GLU B 83 -1.25 3.34 -14.88
N ASP B 84 -1.93 2.19 -14.71
CA ASP B 84 -2.57 1.85 -13.44
C ASP B 84 -1.61 1.24 -12.42
N GLU B 85 -0.37 0.95 -12.82
CA GLU B 85 0.57 0.34 -11.89
C GLU B 85 0.84 1.29 -10.73
N ALA B 86 0.45 0.85 -9.54
CA ALA B 86 0.50 1.70 -8.36
C ALA B 86 0.25 0.82 -7.14
N ASP B 87 0.22 1.46 -5.98
CA ASP B 87 -0.17 0.82 -4.73
C ASP B 87 -1.58 1.26 -4.39
N TYR B 88 -2.35 0.36 -3.78
CA TYR B 88 -3.78 0.60 -3.60
C TYR B 88 -4.16 0.29 -2.16
N TYR B 89 -4.81 1.24 -1.50
CA TYR B 89 -5.19 1.11 -0.10
C TYR B 89 -6.70 1.27 0.07
N CYS B 90 -7.25 0.49 1.00
CA CYS B 90 -8.67 0.59 1.37
C CYS B 90 -8.80 1.24 2.75
N LEU B 91 -10.03 1.64 3.07
CA LEU B 91 -10.31 2.38 4.31
C LEU B 91 -11.66 1.97 4.86
N LEU B 92 -11.72 1.77 6.18
CA LEU B 92 -12.96 1.36 6.84
C LEU B 92 -13.29 2.33 7.96
N TYR B 93 -14.59 2.59 8.14
CA TYR B 93 -15.08 3.51 9.16
C TYR B 93 -15.72 2.74 10.30
N TYR B 94 -14.95 2.51 11.37
CA TYR B 94 -15.50 2.02 12.62
C TYR B 94 -15.89 3.23 13.46
N GLY B 95 -17.17 3.59 13.41
CA GLY B 95 -17.66 4.76 14.11
C GLY B 95 -17.30 4.77 15.58
N GLY B 96 -16.99 5.96 16.11
CA GLY B 96 -16.54 6.09 17.48
C GLY B 96 -15.15 6.69 17.55
N PRO B 97 -14.54 6.71 18.74
CA PRO B 97 -13.15 7.13 18.84
C PRO B 97 -12.23 6.22 18.04
N GLN B 98 -11.21 6.84 17.43
CA GLN B 98 -10.31 6.16 16.51
C GLN B 98 -11.11 5.49 15.40
N PRO B 99 -11.79 6.26 14.55
CA PRO B 99 -12.77 5.69 13.61
C PRO B 99 -12.18 5.21 12.29
N TRP B 100 -10.87 5.35 12.09
CA TRP B 100 -10.26 5.11 10.78
C TRP B 100 -9.15 4.08 10.90
N VAL B 101 -9.24 3.02 10.11
CA VAL B 101 -8.20 2.00 10.05
C VAL B 101 -7.91 1.72 8.57
N PHE B 102 -6.66 1.90 8.16
CA PHE B 102 -6.29 1.70 6.78
C PHE B 102 -5.94 0.23 6.53
N GLY B 103 -5.94 -0.15 5.25
CA GLY B 103 -5.51 -1.47 4.84
C GLY B 103 -4.02 -1.48 4.53
N GLY B 104 -3.45 -2.69 4.54
CA GLY B 104 -2.01 -2.82 4.36
C GLY B 104 -1.54 -2.27 3.03
N GLY B 105 -2.30 -2.52 1.98
CA GLY B 105 -1.96 -2.08 0.65
C GLY B 105 -1.71 -3.25 -0.29
N THR B 106 -1.76 -2.96 -1.58
CA THR B 106 -1.55 -3.96 -2.62
C THR B 106 -0.71 -3.33 -3.72
N LYS B 107 0.50 -3.83 -3.91
CA LYS B 107 1.32 -3.34 -5.02
C LYS B 107 0.85 -4.02 -6.28
N LEU B 108 0.06 -3.32 -7.09
CA LEU B 108 -0.42 -3.87 -8.35
C LEU B 108 0.60 -3.58 -9.44
N THR B 109 1.08 -4.64 -10.09
CA THR B 109 2.05 -4.53 -11.18
C THR B 109 1.37 -4.88 -12.49
N VAL B 110 1.57 -4.06 -13.50
CA VAL B 110 1.12 -4.36 -14.85
C VAL B 110 2.29 -4.88 -15.65
N LEU B 111 2.12 -6.05 -16.25
CA LEU B 111 3.25 -6.74 -16.87
C LEU B 111 3.67 -6.04 -18.14
N SER B 112 4.90 -5.51 -18.15
CA SER B 112 5.53 -5.03 -19.37
C SER B 112 6.75 -5.84 -19.76
N GLN B 113 7.26 -6.66 -18.86
CA GLN B 113 8.28 -7.67 -19.13
C GLN B 113 7.77 -9.04 -18.68
N PRO B 114 8.28 -10.12 -19.26
CA PRO B 114 7.94 -11.45 -18.74
C PRO B 114 8.50 -11.66 -17.34
N LYS B 115 7.79 -12.50 -16.58
CA LYS B 115 8.17 -12.78 -15.20
C LYS B 115 9.59 -13.31 -15.13
N ALA B 116 10.39 -12.71 -14.24
CA ALA B 116 11.73 -13.17 -13.98
C ALA B 116 11.78 -13.68 -12.54
N ALA B 117 12.15 -14.94 -12.38
CA ALA B 117 12.49 -15.46 -11.07
C ALA B 117 13.76 -14.78 -10.57
N PRO B 118 13.92 -14.66 -9.26
CA PRO B 118 15.08 -13.92 -8.74
C PRO B 118 16.36 -14.74 -8.69
N SER B 119 17.47 -14.04 -8.88
CA SER B 119 18.79 -14.61 -8.65
C SER B 119 19.19 -14.31 -7.22
N VAL B 120 19.41 -15.36 -6.43
CA VAL B 120 19.76 -15.25 -5.02
C VAL B 120 21.22 -15.62 -4.86
N THR B 121 21.93 -14.83 -4.06
CA THR B 121 23.33 -15.09 -3.76
C THR B 121 23.55 -14.84 -2.28
N LEU B 122 24.09 -15.84 -1.58
CA LEU B 122 24.19 -15.83 -0.13
C LEU B 122 25.64 -16.01 0.30
N PHE B 123 26.12 -15.09 1.16
CA PHE B 123 27.49 -15.05 1.63
C PHE B 123 27.57 -15.38 3.12
N PRO B 124 28.60 -16.11 3.54
CA PRO B 124 28.83 -16.33 4.96
C PRO B 124 29.46 -15.11 5.60
N PRO B 125 29.53 -15.05 6.94
CA PRO B 125 30.33 -13.99 7.58
C PRO B 125 31.78 -14.09 7.15
N SER B 126 32.44 -12.93 7.05
CA SER B 126 33.85 -12.90 6.69
C SER B 126 34.70 -13.26 7.91
N SER B 127 35.89 -13.79 7.62
CA SER B 127 36.84 -14.10 8.69
C SER B 127 37.20 -12.86 9.49
N GLU B 128 37.25 -11.70 8.83
CA GLU B 128 37.56 -10.45 9.52
C GLU B 128 36.44 -10.05 10.47
N GLU B 129 35.19 -10.08 9.99
CA GLU B 129 34.06 -9.61 10.77
C GLU B 129 33.84 -10.48 12.01
N LEU B 130 34.04 -11.79 11.88
CA LEU B 130 33.92 -12.69 13.01
C LEU B 130 34.92 -12.33 14.11
N GLN B 131 36.15 -11.97 13.74
CA GLN B 131 37.13 -11.56 14.74
C GLN B 131 36.75 -10.27 15.43
N ALA B 132 35.89 -9.47 14.81
CA ALA B 132 35.36 -8.26 15.42
C ALA B 132 34.15 -8.53 16.30
N ASN B 133 33.95 -9.78 16.70
CA ASN B 133 32.88 -10.18 17.61
C ASN B 133 31.48 -9.97 17.02
N LYS B 134 31.36 -10.01 15.69
CA LYS B 134 30.11 -9.76 15.00
C LYS B 134 29.93 -10.76 13.88
N ALA B 135 28.68 -10.98 13.48
CA ALA B 135 28.36 -11.93 12.42
C ALA B 135 27.19 -11.43 11.60
N THR B 136 27.37 -11.36 10.28
CA THR B 136 26.35 -10.85 9.37
C THR B 136 26.27 -11.74 8.15
N LEU B 137 25.10 -12.35 7.94
CA LEU B 137 24.82 -13.11 6.72
C LEU B 137 24.19 -12.19 5.69
N VAL B 138 24.62 -12.33 4.44
CA VAL B 138 24.23 -11.40 3.37
C VAL B 138 23.52 -12.18 2.27
N CYS B 139 22.25 -11.87 2.06
CA CYS B 139 21.42 -12.50 1.04
C CYS B 139 21.04 -11.43 0.01
N LEU B 140 21.41 -11.65 -1.25
CA LEU B 140 21.30 -10.63 -2.29
C LEU B 140 20.40 -11.11 -3.42
N ILE B 141 19.36 -10.33 -3.71
CA ILE B 141 18.29 -10.72 -4.62
C ILE B 141 18.25 -9.68 -5.73
N SER B 142 18.38 -10.12 -6.98
CA SER B 142 18.42 -9.21 -8.10
C SER B 142 17.71 -9.84 -9.31
N ASP B 143 17.31 -8.96 -10.23
CA ASP B 143 16.77 -9.33 -11.53
C ASP B 143 15.51 -10.18 -11.42
N PHE B 144 14.51 -9.60 -10.76
CA PHE B 144 13.19 -10.21 -10.72
C PHE B 144 12.13 -9.23 -11.21
N TYR B 145 10.99 -9.79 -11.59
CA TYR B 145 9.82 -9.07 -12.06
C TYR B 145 8.60 -9.95 -11.80
N PRO B 146 7.57 -9.48 -11.08
CA PRO B 146 7.38 -8.18 -10.43
C PRO B 146 8.31 -7.97 -9.23
N GLY B 147 8.35 -6.75 -8.70
CA GLY B 147 9.16 -6.46 -7.54
C GLY B 147 8.45 -6.79 -6.25
N ALA B 148 8.05 -8.05 -6.10
CA ALA B 148 7.42 -8.55 -4.89
C ALA B 148 8.12 -9.83 -4.47
N VAL B 149 8.84 -9.77 -3.36
CA VAL B 149 9.54 -10.92 -2.81
C VAL B 149 9.26 -11.01 -1.32
N THR B 150 9.31 -12.23 -0.79
CA THR B 150 9.22 -12.49 0.64
C THR B 150 10.47 -13.26 1.06
N VAL B 151 11.11 -12.79 2.13
CA VAL B 151 12.37 -13.36 2.60
C VAL B 151 12.16 -13.90 4.01
N ALA B 152 12.60 -15.13 4.24
CA ALA B 152 12.60 -15.73 5.55
C ALA B 152 13.93 -16.46 5.75
N TRP B 153 14.43 -16.44 6.98
CA TRP B 153 15.75 -16.99 7.30
C TRP B 153 15.60 -18.25 8.15
N LYS B 154 16.47 -19.22 7.92
CA LYS B 154 16.39 -20.53 8.58
C LYS B 154 17.68 -20.84 9.33
N ALA B 155 17.58 -20.95 10.66
CA ALA B 155 18.55 -21.74 11.42
C ALA B 155 18.31 -23.18 10.98
N ASP B 156 19.04 -24.15 11.55
CA ASP B 156 19.35 -25.41 10.89
C ASP B 156 18.28 -25.83 9.88
N SER B 157 17.06 -26.03 10.36
CA SER B 157 15.88 -26.03 9.51
C SER B 157 14.72 -25.29 10.17
N SER B 158 14.84 -24.93 11.44
CA SER B 158 13.86 -24.13 12.12
C SER B 158 13.92 -22.68 11.62
N PRO B 159 12.83 -21.90 11.82
CA PRO B 159 12.84 -20.50 11.37
C PRO B 159 13.39 -19.51 12.39
N VAL B 160 14.10 -18.49 11.91
CA VAL B 160 14.59 -17.40 12.75
C VAL B 160 14.10 -16.07 12.18
N LYS B 161 13.71 -15.16 13.06
CA LYS B 161 13.18 -13.86 12.65
C LYS B 161 13.95 -12.69 13.25
N ALA B 162 14.63 -12.88 14.37
CA ALA B 162 15.35 -11.81 15.02
C ALA B 162 16.63 -11.49 14.27
N GLY B 163 17.00 -10.20 14.26
CA GLY B 163 18.17 -9.75 13.55
C GLY B 163 18.04 -9.71 12.05
N VAL B 164 16.86 -10.03 11.50
CA VAL B 164 16.61 -9.91 10.07
C VAL B 164 16.35 -8.45 9.72
N GLU B 165 16.90 -8.02 8.58
CA GLU B 165 16.69 -6.67 8.07
C GLU B 165 16.74 -6.73 6.55
N THR B 166 15.67 -6.27 5.90
CA THR B 166 15.47 -6.48 4.47
C THR B 166 15.13 -5.15 3.80
N THR B 167 15.63 -4.95 2.58
CA THR B 167 15.39 -3.70 1.87
C THR B 167 14.01 -3.70 1.21
N THR B 168 13.60 -2.51 0.77
CA THR B 168 12.44 -2.66 -0.09
C THR B 168 12.88 -2.79 -1.54
N PRO B 169 12.16 -3.61 -2.32
CA PRO B 169 12.51 -3.78 -3.74
C PRO B 169 12.70 -2.44 -4.44
N SER B 170 13.72 -2.38 -5.30
CA SER B 170 14.06 -1.15 -5.99
C SER B 170 14.43 -1.46 -7.44
N LYS B 171 13.81 -0.73 -8.36
CA LYS B 171 14.00 -0.97 -9.78
C LYS B 171 15.47 -0.76 -10.16
N GLN B 172 15.98 -1.66 -11.00
CA GLN B 172 17.34 -1.52 -11.51
C GLN B 172 17.30 -0.79 -12.85
N SER B 173 18.44 -0.73 -13.54
CA SER B 173 18.46 -0.15 -14.88
C SER B 173 17.61 -0.96 -15.84
N ASN B 174 17.65 -2.28 -15.73
CA ASN B 174 16.90 -3.22 -16.57
C ASN B 174 15.39 -3.18 -16.31
N ASN B 175 14.90 -2.28 -15.47
CA ASN B 175 13.50 -2.19 -15.05
C ASN B 175 13.05 -3.43 -14.29
N LYS B 176 13.99 -4.25 -13.84
CA LYS B 176 13.73 -5.33 -12.89
C LYS B 176 14.19 -4.87 -11.51
N TYR B 177 13.75 -5.58 -10.48
CA TYR B 177 13.94 -5.11 -9.12
C TYR B 177 15.07 -5.86 -8.42
N ALA B 178 15.53 -5.28 -7.31
CA ALA B 178 16.63 -5.84 -6.55
C ALA B 178 16.46 -5.49 -5.07
N ALA B 179 16.82 -6.43 -4.20
CA ALA B 179 16.66 -6.25 -2.77
C ALA B 179 17.72 -7.03 -2.00
N SER B 180 17.89 -6.67 -0.73
CA SER B 180 18.90 -7.27 0.13
C SER B 180 18.27 -7.68 1.46
N SER B 181 18.83 -8.72 2.07
CA SER B 181 18.43 -9.14 3.41
C SER B 181 19.65 -9.54 4.21
N TYR B 182 19.78 -8.97 5.41
CA TYR B 182 20.96 -9.12 6.27
C TYR B 182 20.53 -9.77 7.58
N LEU B 183 21.02 -10.98 7.83
CA LEU B 183 20.79 -11.63 9.12
C LEU B 183 21.97 -11.34 10.05
N SER B 184 21.67 -10.75 11.20
CA SER B 184 22.69 -10.33 12.16
C SER B 184 22.77 -11.34 13.30
N LEU B 185 23.97 -11.85 13.57
CA LEU B 185 24.15 -12.92 14.54
C LEU B 185 25.37 -12.63 15.42
N THR B 186 25.41 -13.31 16.55
CA THR B 186 26.65 -13.40 17.29
C THR B 186 27.50 -14.52 16.70
N PRO B 187 28.83 -14.38 16.76
CA PRO B 187 29.70 -15.47 16.27
C PRO B 187 29.38 -16.82 16.90
N GLU B 188 28.81 -16.83 18.10
CA GLU B 188 28.43 -18.08 18.74
C GLU B 188 27.29 -18.74 17.99
N GLN B 189 26.22 -17.99 17.71
CA GLN B 189 25.09 -18.54 16.97
C GLN B 189 25.52 -19.02 15.59
N TRP B 190 26.47 -18.32 14.96
CA TRP B 190 26.95 -18.73 13.64
C TRP B 190 27.64 -20.08 13.73
N LYS B 191 28.73 -20.16 14.49
CA LYS B 191 29.44 -21.42 14.63
C LYS B 191 28.58 -22.49 15.32
N SER B 192 27.45 -22.11 15.92
CA SER B 192 26.64 -23.04 16.69
C SER B 192 25.97 -24.08 15.78
N HIS B 193 25.37 -23.63 14.68
CA HIS B 193 24.46 -24.44 13.90
C HIS B 193 25.14 -25.04 12.67
N ARG B 194 24.51 -26.11 12.15
CA ARG B 194 25.02 -26.77 10.95
C ARG B 194 25.02 -25.83 9.76
N SER B 195 23.93 -25.09 9.57
CA SER B 195 23.80 -24.23 8.41
C SER B 195 22.76 -23.15 8.70
N TYR B 196 22.78 -22.12 7.86
CA TYR B 196 21.80 -21.04 7.87
C TYR B 196 21.28 -20.88 6.45
N SER B 197 19.99 -20.60 6.30
CA SER B 197 19.39 -20.54 4.96
C SER B 197 18.54 -19.31 4.77
N CYS B 198 18.49 -18.84 3.52
CA CYS B 198 17.74 -17.67 3.09
C CYS B 198 16.72 -18.10 2.03
N GLN B 199 15.44 -17.92 2.32
CA GLN B 199 14.37 -18.28 1.39
C GLN B 199 13.84 -17.03 0.71
N VAL B 200 13.95 -17.01 -0.61
CA VAL B 200 13.41 -15.94 -1.43
C VAL B 200 12.18 -16.48 -2.15
N THR B 201 11.00 -16.07 -1.71
CA THR B 201 9.75 -16.45 -2.34
C THR B 201 9.32 -15.33 -3.26
N HIS B 202 9.05 -15.68 -4.52
CA HIS B 202 8.74 -14.69 -5.55
C HIS B 202 7.72 -15.32 -6.49
N GLU B 203 6.46 -14.95 -6.32
CA GLU B 203 5.36 -15.45 -7.16
C GLU B 203 5.20 -16.95 -6.98
N GLY B 204 4.98 -17.38 -5.74
CA GLY B 204 4.83 -18.78 -5.41
C GLY B 204 6.08 -19.60 -5.61
N SER B 205 7.15 -18.94 -6.08
CA SER B 205 8.40 -19.60 -6.44
C SER B 205 9.39 -19.33 -5.33
N THR B 206 9.63 -20.34 -4.48
CA THR B 206 10.55 -20.22 -3.37
C THR B 206 11.93 -20.71 -3.79
N VAL B 207 12.96 -19.91 -3.51
CA VAL B 207 14.35 -20.27 -3.75
C VAL B 207 15.11 -20.14 -2.44
N GLU B 208 15.76 -21.22 -2.02
CA GLU B 208 16.43 -21.29 -0.72
C GLU B 208 17.91 -21.55 -0.93
N LYS B 209 18.74 -20.63 -0.44
CA LYS B 209 20.19 -20.77 -0.45
C LYS B 209 20.69 -21.11 0.95
N THR B 210 21.90 -21.65 1.03
CA THR B 210 22.46 -22.09 2.29
C THR B 210 23.95 -21.80 2.35
N VAL B 211 24.43 -21.45 3.55
CA VAL B 211 25.85 -21.38 3.86
C VAL B 211 26.08 -22.07 5.20
N ALA B 212 27.33 -22.50 5.42
CA ALA B 212 27.67 -23.33 6.57
C ALA B 212 28.78 -22.69 7.39
N PRO B 213 28.70 -22.83 8.72
CA PRO B 213 29.83 -22.39 9.55
C PRO B 213 31.11 -23.12 9.24
N THR B 214 31.00 -24.41 8.96
CA THR B 214 32.13 -25.30 8.84
C THR B 214 32.78 -25.07 7.49
N GLU B 215 33.16 -23.83 7.24
CA GLU B 215 33.76 -23.41 5.98
C GLU B 215 35.01 -22.61 6.30
N CYS B 216 36.15 -23.29 6.23
CA CYS B 216 37.39 -22.64 5.84
C CYS B 216 37.96 -21.80 6.98
#